data_1F2O
#
_entry.id   1F2O
#
_cell.length_a   61.990
_cell.length_b   61.990
_cell.length_c   146.870
_cell.angle_alpha   90.00
_cell.angle_beta   90.00
_cell.angle_gamma   90.00
#
_symmetry.space_group_name_H-M   'P 41 21 2'
#
loop_
_entity.id
_entity.type
_entity.pdbx_description
1 polymer AMINOPEPTIDASE
2 non-polymer 'ZINC ION'
3 non-polymer 'CALCIUM ION'
4 non-polymer LEUCINE
5 water water
#
_entity_poly.entity_id   1
_entity_poly.type   'polypeptide(L)'
_entity_poly.pdbx_seq_one_letter_code
;APDIPLANVKAHLTQLSTIAANNGGNRAHGRPGYKASVDYVKAKLDAAGYTTTLQQFTSGGATGYNLIANWPGGDPNKVL
MAGAHLDSVSSGAGINDNGSGSAAVLETALAVSRAGYQPDKHLRFAWWGAEELGLIGSKFYVNNLPSADRSKLAGYLNFD
MIGSPNPGYFVYDDDPVIEKTFKNYFAGLNVPTEIETEGDGRSDHAPFKNVGVPVGGLFTGAGYTKSAAQAQKWGGTAGQ
AFDRCYHSSCDSLSNINDTALDRNSDAAAHAIWTLSSGTGEPPT
;
_entity_poly.pdbx_strand_id   A
#
# COMPACT_ATOMS: atom_id res chain seq x y z
N ALA A 1 -5.17 -4.68 18.14
CA ALA A 1 -5.22 -3.66 17.06
C ALA A 1 -6.66 -3.20 16.85
N PRO A 2 -6.85 -1.96 16.39
CA PRO A 2 -8.17 -1.40 16.14
C PRO A 2 -8.75 -1.93 14.82
N ASP A 3 -10.06 -1.85 14.72
CA ASP A 3 -10.81 -2.18 13.48
C ASP A 3 -10.65 -0.87 12.63
N ILE A 4 -10.15 -0.93 11.42
CA ILE A 4 -10.03 0.29 10.62
C ILE A 4 -11.42 0.57 10.02
N PRO A 5 -11.96 1.80 10.17
CA PRO A 5 -13.30 2.07 9.62
C PRO A 5 -13.27 2.18 8.09
N LEU A 6 -14.03 1.32 7.43
CA LEU A 6 -14.10 1.37 5.97
C LEU A 6 -14.49 2.77 5.49
N ALA A 7 -15.44 3.42 6.18
CA ALA A 7 -15.83 4.76 5.70
C ALA A 7 -14.66 5.74 5.63
N ASN A 8 -13.71 5.64 6.57
CA ASN A 8 -12.57 6.55 6.57
C ASN A 8 -11.64 6.27 5.37
N VAL A 9 -11.47 4.99 5.06
CA VAL A 9 -10.63 4.61 3.92
C VAL A 9 -11.27 5.08 2.63
N LYS A 10 -12.58 4.87 2.50
CA LYS A 10 -13.28 5.32 1.27
C LYS A 10 -13.22 6.85 1.16
N ALA A 11 -13.28 7.57 2.29
CA ALA A 11 -13.18 9.03 2.21
C ALA A 11 -11.85 9.48 1.59
N HIS A 12 -10.74 8.79 1.89
CA HIS A 12 -9.43 9.15 1.27
C HIS A 12 -9.52 8.88 -0.26
N LEU A 13 -10.15 7.78 -0.64
CA LEU A 13 -10.29 7.45 -2.07
C LEU A 13 -11.10 8.55 -2.77
N THR A 14 -12.16 9.04 -2.12
CA THR A 14 -12.94 10.10 -2.74
C THR A 14 -12.08 11.34 -2.95
N GLN A 15 -11.23 11.67 -1.97
CA GLN A 15 -10.34 12.83 -2.14
C GLN A 15 -9.34 12.59 -3.29
N LEU A 16 -8.78 11.37 -3.41
CA LEU A 16 -7.83 11.13 -4.51
C LEU A 16 -8.55 11.22 -5.88
N SER A 17 -9.82 10.77 -5.93
CA SER A 17 -10.59 10.82 -7.16
C SER A 17 -10.80 12.30 -7.60
N THR A 18 -11.12 13.16 -6.64
CA THR A 18 -11.33 14.58 -6.91
C THR A 18 -10.03 15.21 -7.35
N ILE A 19 -8.93 14.87 -6.68
CA ILE A 19 -7.64 15.43 -7.11
C ILE A 19 -7.35 15.03 -8.56
N ALA A 20 -7.60 13.77 -8.94
CA ALA A 20 -7.35 13.39 -10.33
C ALA A 20 -8.27 14.20 -11.27
N ALA A 21 -9.57 14.28 -10.95
CA ALA A 21 -10.50 15.02 -11.80
C ALA A 21 -10.08 16.50 -11.99
N ASN A 22 -9.54 17.15 -10.94
CA ASN A 22 -9.13 18.55 -10.98
C ASN A 22 -7.77 18.73 -11.67
N ASN A 23 -7.08 17.63 -11.98
CA ASN A 23 -5.75 17.73 -12.55
C ASN A 23 -5.56 16.95 -13.81
N GLY A 24 -6.48 17.02 -14.75
CA GLY A 24 -6.21 16.30 -15.98
C GLY A 24 -6.66 14.88 -16.04
N GLY A 25 -7.20 14.34 -14.93
CA GLY A 25 -7.72 13.00 -14.99
C GLY A 25 -6.79 11.92 -14.48
N ASN A 26 -5.60 12.27 -13.95
CA ASN A 26 -4.68 11.22 -13.48
C ASN A 26 -3.84 11.69 -12.32
N ARG A 27 -3.06 10.78 -11.72
CA ARG A 27 -2.15 11.18 -10.61
C ARG A 27 -0.78 10.58 -10.96
N ALA A 28 -0.36 10.81 -12.21
CA ALA A 28 0.91 10.21 -12.69
C ALA A 28 2.18 11.02 -12.42
N HIS A 29 3.31 10.31 -12.32
CA HIS A 29 4.61 10.93 -12.12
C HIS A 29 4.82 12.08 -13.12
N GLY A 30 5.30 13.19 -12.60
CA GLY A 30 5.59 14.35 -13.40
C GLY A 30 4.40 15.19 -13.80
N ARG A 31 3.19 14.82 -13.36
CA ARG A 31 1.98 15.59 -13.67
C ARG A 31 1.47 16.19 -12.34
N PRO A 32 0.70 17.31 -12.38
CA PRO A 32 0.22 17.93 -11.13
C PRO A 32 -0.61 17.07 -10.18
N GLY A 33 -1.33 16.12 -10.74
CA GLY A 33 -2.13 15.21 -9.92
C GLY A 33 -1.31 14.39 -8.90
N TYR A 34 -0.03 14.14 -9.21
CA TYR A 34 0.78 13.38 -8.26
C TYR A 34 1.16 14.26 -7.09
N LYS A 35 1.71 15.45 -7.34
CA LYS A 35 2.10 16.30 -6.21
C LYS A 35 0.89 16.65 -5.34
N ALA A 36 -0.26 16.83 -5.97
CA ALA A 36 -1.45 17.18 -5.19
C ALA A 36 -1.87 16.00 -4.27
N SER A 37 -1.64 14.77 -4.73
CA SER A 37 -1.93 13.58 -3.90
C SER A 37 -0.97 13.60 -2.68
N VAL A 38 0.32 13.83 -2.95
CA VAL A 38 1.31 13.87 -1.86
C VAL A 38 0.91 14.94 -0.86
N ASP A 39 0.44 16.09 -1.34
CA ASP A 39 0.10 17.15 -0.39
C ASP A 39 -1.05 16.77 0.52
N TYR A 40 -2.05 16.07 -0.02
CA TYR A 40 -3.22 15.66 0.80
C TYR A 40 -2.80 14.69 1.88
N VAL A 41 -1.98 13.71 1.51
CA VAL A 41 -1.54 12.72 2.48
C VAL A 41 -0.65 13.37 3.55
N LYS A 42 0.28 14.22 3.10
CA LYS A 42 1.21 14.86 4.07
C LYS A 42 0.46 15.70 5.09
N ALA A 43 -0.54 16.45 4.63
CA ALA A 43 -1.31 17.30 5.54
C ALA A 43 -2.01 16.50 6.62
N LYS A 44 -2.57 15.35 6.28
CA LYS A 44 -3.26 14.51 7.28
C LYS A 44 -2.27 14.00 8.33
N LEU A 45 -1.08 13.57 7.87
CA LEU A 45 -0.07 13.03 8.78
C LEU A 45 0.52 14.11 9.69
N ASP A 46 0.78 15.31 9.15
CA ASP A 46 1.37 16.38 9.95
C ASP A 46 0.38 16.74 11.07
N ALA A 47 -0.91 16.77 10.77
CA ALA A 47 -1.94 17.10 11.78
C ALA A 47 -2.04 16.03 12.87
N ALA A 48 -1.64 14.80 12.55
CA ALA A 48 -1.72 13.72 13.52
C ALA A 48 -0.47 13.56 14.38
N GLY A 49 0.57 14.36 14.11
CA GLY A 49 1.78 14.31 14.93
C GLY A 49 3.01 13.63 14.36
N TYR A 50 2.88 13.13 13.14
CA TYR A 50 4.04 12.53 12.51
C TYR A 50 5.12 13.54 12.09
N THR A 51 6.35 13.03 12.02
CA THR A 51 7.48 13.80 11.47
C THR A 51 7.51 13.37 10.01
N THR A 52 7.28 14.29 9.09
CA THR A 52 7.26 13.92 7.66
C THR A 52 8.45 14.47 6.90
N THR A 53 8.87 13.72 5.90
CA THR A 53 10.02 14.10 5.05
C THR A 53 9.61 13.89 3.58
N LEU A 54 9.89 14.87 2.72
CA LEU A 54 9.64 14.74 1.29
C LEU A 54 11.01 14.49 0.68
N GLN A 55 11.16 13.38 -0.05
CA GLN A 55 12.40 13.01 -0.69
C GLN A 55 12.17 13.26 -2.16
N GLN A 56 13.00 14.13 -2.76
CA GLN A 56 12.84 14.46 -4.17
C GLN A 56 13.83 13.70 -5.03
N PHE A 57 13.43 13.32 -6.24
CA PHE A 57 14.32 12.64 -7.17
C PHE A 57 13.88 13.04 -8.58
N THR A 58 14.74 12.78 -9.57
CA THR A 58 14.41 13.10 -10.97
C THR A 58 14.43 11.83 -11.82
N SER A 59 13.35 11.58 -12.57
CA SER A 59 13.28 10.42 -13.46
C SER A 59 12.54 10.81 -14.73
N GLY A 60 13.07 10.43 -15.90
CA GLY A 60 12.42 10.78 -17.18
C GLY A 60 12.31 12.30 -17.32
N GLY A 61 13.32 13.01 -16.82
CA GLY A 61 13.31 14.46 -16.88
C GLY A 61 12.30 15.22 -16.03
N ALA A 62 11.60 14.54 -15.11
CA ALA A 62 10.61 15.25 -14.29
C ALA A 62 10.88 14.90 -12.82
N THR A 63 10.54 15.81 -11.91
CA THR A 63 10.75 15.66 -10.48
C THR A 63 9.64 14.78 -9.89
N GLY A 64 10.05 13.79 -9.09
CA GLY A 64 9.07 12.92 -8.40
C GLY A 64 9.34 13.04 -6.91
N TYR A 65 8.46 12.47 -6.07
CA TYR A 65 8.70 12.57 -4.64
C TYR A 65 8.30 11.31 -3.94
N ASN A 66 9.01 11.00 -2.86
CA ASN A 66 8.52 9.92 -1.96
C ASN A 66 8.09 10.69 -0.69
N LEU A 67 7.08 10.20 0.06
CA LEU A 67 6.70 10.88 1.34
C LEU A 67 6.99 9.81 2.43
N ILE A 68 7.80 10.17 3.41
CA ILE A 68 8.22 9.26 4.49
C ILE A 68 7.67 9.85 5.79
N ALA A 69 6.99 9.05 6.61
CA ALA A 69 6.43 9.59 7.86
C ALA A 69 6.95 8.73 9.03
N ASN A 70 7.52 9.37 10.04
CA ASN A 70 8.03 8.61 11.18
C ASN A 70 7.17 8.91 12.42
N TRP A 71 6.77 7.88 13.14
CA TRP A 71 5.99 8.08 14.38
C TRP A 71 7.04 8.21 15.48
N PRO A 72 7.10 9.37 16.16
CA PRO A 72 8.13 9.48 17.19
C PRO A 72 8.12 8.38 18.26
N GLY A 73 9.32 7.91 18.62
CA GLY A 73 9.37 6.90 19.66
C GLY A 73 9.75 5.53 19.18
N GLY A 74 9.77 4.56 20.10
CA GLY A 74 10.12 3.20 19.75
C GLY A 74 11.62 3.01 19.66
N ASP A 75 12.04 1.77 19.46
CA ASP A 75 13.46 1.41 19.40
C ASP A 75 14.04 1.88 18.07
N PRO A 76 14.99 2.83 18.07
CA PRO A 76 15.55 3.27 16.79
C PRO A 76 16.31 2.20 16.01
N ASN A 77 16.73 1.14 16.70
CA ASN A 77 17.46 0.05 16.04
C ASN A 77 16.60 -1.07 15.46
N LYS A 78 15.27 -0.97 15.62
CA LYS A 78 14.38 -1.95 15.05
C LYS A 78 13.19 -1.16 14.46
N VAL A 79 13.23 -0.97 13.16
CA VAL A 79 12.20 -0.20 12.48
C VAL A 79 11.30 -1.07 11.66
N LEU A 80 9.98 -0.91 11.83
CA LEU A 80 9.03 -1.68 11.01
C LEU A 80 8.44 -0.65 10.01
N MET A 81 8.51 -0.95 8.72
CA MET A 81 7.99 0.00 7.71
C MET A 81 6.84 -0.60 6.96
N ALA A 82 5.91 0.26 6.53
CA ALA A 82 4.80 -0.21 5.69
C ALA A 82 4.67 0.86 4.59
N GLY A 83 4.35 0.44 3.37
CA GLY A 83 4.28 1.45 2.31
C GLY A 83 3.35 1.04 1.17
N ALA A 84 3.19 2.00 0.24
CA ALA A 84 2.30 1.82 -0.89
C ALA A 84 2.64 2.87 -1.95
N HIS A 85 2.61 2.49 -3.24
CA HIS A 85 2.93 3.55 -4.20
C HIS A 85 1.72 4.44 -4.42
N LEU A 86 2.00 5.74 -4.50
CA LEU A 86 0.98 6.78 -4.61
C LEU A 86 0.75 7.29 -6.04
N ASP A 87 1.61 6.90 -7.00
CA ASP A 87 1.38 7.36 -8.38
C ASP A 87 0.40 6.43 -9.14
N SER A 88 -0.23 6.94 -10.21
CA SER A 88 -1.06 6.11 -11.07
C SER A 88 -0.41 6.17 -12.46
N VAL A 89 -0.94 5.36 -13.37
CA VAL A 89 -0.55 5.51 -14.78
C VAL A 89 -1.26 6.78 -15.32
N SER A 90 -0.90 7.25 -16.53
CA SER A 90 -1.56 8.46 -17.03
C SER A 90 -2.91 8.24 -17.66
N SER A 91 -3.40 6.99 -17.75
CA SER A 91 -4.70 6.82 -18.38
C SER A 91 -5.91 7.06 -17.48
N GLY A 92 -5.70 7.20 -16.16
CA GLY A 92 -6.83 7.35 -15.26
C GLY A 92 -6.44 7.69 -13.82
N ALA A 93 -7.42 7.62 -12.92
CA ALA A 93 -7.18 8.06 -11.54
C ALA A 93 -6.44 7.07 -10.65
N GLY A 94 -6.35 5.80 -11.08
CA GLY A 94 -5.61 4.80 -10.29
C GLY A 94 -6.22 4.62 -8.90
N ILE A 95 -7.54 4.39 -8.84
CA ILE A 95 -8.18 4.24 -7.52
C ILE A 95 -7.85 2.89 -6.87
N ASN A 96 -8.05 1.79 -7.58
CA ASN A 96 -7.62 0.51 -7.04
C ASN A 96 -6.07 0.41 -7.18
N ASP A 97 -5.49 0.86 -8.32
CA ASP A 97 -4.00 0.80 -8.47
C ASP A 97 -3.41 2.25 -8.49
N ASN A 98 -2.97 2.80 -7.37
CA ASN A 98 -2.99 2.14 -6.06
C ASN A 98 -3.50 3.08 -4.97
N GLY A 99 -4.60 3.77 -5.28
CA GLY A 99 -5.24 4.56 -4.22
C GLY A 99 -5.66 3.59 -3.08
N SER A 100 -6.04 2.36 -3.40
CA SER A 100 -6.49 1.39 -2.35
C SER A 100 -5.39 1.15 -1.30
N GLY A 101 -4.17 0.78 -1.73
CA GLY A 101 -3.11 0.57 -0.76
C GLY A 101 -2.70 1.87 -0.08
N SER A 102 -2.63 2.95 -0.85
CA SER A 102 -2.24 4.27 -0.27
C SER A 102 -3.20 4.73 0.85
N ALA A 103 -4.50 4.54 0.62
CA ALA A 103 -5.50 4.93 1.62
C ALA A 103 -5.50 4.00 2.85
N ALA A 104 -5.27 2.71 2.65
CA ALA A 104 -5.24 1.79 3.78
C ALA A 104 -4.04 2.12 4.67
N VAL A 105 -2.87 2.39 4.05
CA VAL A 105 -1.70 2.73 4.87
C VAL A 105 -1.91 4.07 5.58
N LEU A 106 -2.50 5.05 4.89
CA LEU A 106 -2.75 6.35 5.55
C LEU A 106 -3.71 6.17 6.74
N GLU A 107 -4.82 5.43 6.55
CA GLU A 107 -5.75 5.30 7.68
C GLU A 107 -5.13 4.52 8.85
N THR A 108 -4.26 3.54 8.56
CA THR A 108 -3.60 2.80 9.63
C THR A 108 -2.67 3.78 10.43
N ALA A 109 -1.93 4.62 9.69
CA ALA A 109 -1.07 5.61 10.34
C ALA A 109 -1.95 6.55 11.22
N LEU A 110 -3.11 6.97 10.74
CA LEU A 110 -3.94 7.87 11.53
C LEU A 110 -4.49 7.09 12.75
N ALA A 111 -4.77 5.79 12.58
CA ALA A 111 -5.29 4.98 13.70
C ALA A 111 -4.26 4.87 14.84
N VAL A 112 -2.97 4.81 14.48
CA VAL A 112 -1.91 4.71 15.50
C VAL A 112 -1.99 5.97 16.40
N SER A 113 -2.18 7.15 15.79
CA SER A 113 -2.24 8.42 16.53
C SER A 113 -3.52 8.50 17.36
N ARG A 114 -4.65 8.10 16.76
CA ARG A 114 -5.96 8.15 17.48
C ARG A 114 -5.92 7.24 18.72
N ALA A 115 -5.25 6.10 18.58
CA ALA A 115 -5.15 5.11 19.67
C ALA A 115 -4.13 5.48 20.76
N GLY A 116 -3.25 6.44 20.46
CA GLY A 116 -2.18 6.80 21.39
C GLY A 116 -1.26 5.59 21.54
N TYR A 117 -1.02 4.87 20.44
CA TYR A 117 -0.20 3.66 20.49
C TYR A 117 1.31 3.99 20.62
N GLN A 118 1.96 3.28 21.53
CA GLN A 118 3.40 3.46 21.74
C GLN A 118 4.03 2.09 21.48
N PRO A 119 4.44 1.84 20.24
CA PRO A 119 5.03 0.56 19.89
C PRO A 119 6.45 0.34 20.44
N ASP A 120 6.85 -0.92 20.57
CA ASP A 120 8.20 -1.27 21.00
C ASP A 120 9.13 -0.93 19.82
N LYS A 121 8.78 -1.34 18.61
CA LYS A 121 9.62 -1.01 17.43
C LYS A 121 9.22 0.38 16.88
N HIS A 122 10.15 1.10 16.28
CA HIS A 122 9.83 2.42 15.70
C HIS A 122 9.03 2.18 14.41
N LEU A 123 7.94 2.93 14.21
CA LEU A 123 7.09 2.78 13.01
C LEU A 123 7.42 3.85 11.97
N ARG A 124 7.54 3.44 10.72
CA ARG A 124 7.80 4.39 9.62
C ARG A 124 6.87 3.98 8.47
N PHE A 125 6.19 4.96 7.86
CA PHE A 125 5.29 4.66 6.74
C PHE A 125 5.81 5.40 5.51
N ALA A 126 5.54 4.87 4.31
CA ALA A 126 6.04 5.57 3.13
C ALA A 126 5.06 5.47 1.97
N TRP A 127 5.00 6.52 1.15
CA TRP A 127 4.20 6.55 -0.07
C TRP A 127 5.22 6.80 -1.17
N TRP A 128 5.32 5.86 -2.10
CA TRP A 128 6.35 5.95 -3.14
C TRP A 128 5.90 6.62 -4.41
N GLY A 129 6.76 7.43 -5.01
CA GLY A 129 6.45 7.98 -6.31
C GLY A 129 7.09 7.11 -7.43
N ALA A 130 6.61 7.35 -8.65
CA ALA A 130 7.13 6.71 -9.85
C ALA A 130 7.26 5.20 -9.83
N GLU A 131 6.38 4.51 -9.12
CA GLU A 131 6.47 3.05 -9.15
C GLU A 131 6.11 2.57 -10.57
N GLU A 132 5.25 3.32 -11.27
CA GLU A 132 4.83 2.86 -12.60
C GLU A 132 5.91 3.01 -13.67
N LEU A 133 7.01 3.67 -13.34
CA LEU A 133 8.12 3.83 -14.30
C LEU A 133 9.17 2.76 -14.06
N GLY A 134 8.92 1.86 -13.10
CA GLY A 134 9.88 0.79 -12.79
C GLY A 134 10.44 0.82 -11.37
N LEU A 135 9.56 1.06 -10.38
CA LEU A 135 9.94 1.07 -8.97
C LEU A 135 10.98 2.15 -8.70
N ILE A 136 10.88 3.27 -9.41
CA ILE A 136 11.93 4.31 -9.27
C ILE A 136 12.04 4.92 -7.86
N GLY A 137 10.91 5.24 -7.24
CA GLY A 137 10.92 5.85 -5.90
C GLY A 137 11.42 4.96 -4.77
N SER A 138 11.00 3.69 -4.76
CA SER A 138 11.43 2.78 -3.69
C SER A 138 12.90 2.40 -3.96
N LYS A 139 13.30 2.27 -5.23
CA LYS A 139 14.72 2.02 -5.50
C LYS A 139 15.55 3.22 -5.00
N PHE A 140 15.07 4.44 -5.26
CA PHE A 140 15.79 5.64 -4.80
C PHE A 140 15.95 5.61 -3.29
N TYR A 141 14.88 5.28 -2.56
CA TYR A 141 14.96 5.24 -1.10
C TYR A 141 16.00 4.19 -0.61
N VAL A 142 15.95 2.98 -1.15
CA VAL A 142 16.86 1.96 -0.67
C VAL A 142 18.28 2.28 -1.10
N ASN A 143 18.46 2.80 -2.31
CA ASN A 143 19.83 3.12 -2.78
C ASN A 143 20.50 4.24 -1.96
N ASN A 144 19.68 5.05 -1.30
CA ASN A 144 20.18 6.16 -0.53
C ASN A 144 20.23 5.98 0.98
N LEU A 145 19.83 4.81 1.44
CA LEU A 145 19.93 4.51 2.87
C LEU A 145 21.32 3.95 3.12
N PRO A 146 22.06 4.54 4.09
CA PRO A 146 23.41 4.09 4.46
C PRO A 146 23.23 2.63 4.99
N SER A 147 24.28 1.81 4.90
CA SER A 147 24.12 0.45 5.36
C SER A 147 23.75 0.37 6.86
N ALA A 148 24.22 1.31 7.68
CA ALA A 148 23.89 1.31 9.13
C ALA A 148 22.36 1.44 9.30
N ASP A 149 21.71 2.27 8.48
CA ASP A 149 20.25 2.43 8.56
C ASP A 149 19.49 1.25 7.93
N ARG A 150 20.04 0.61 6.91
CA ARG A 150 19.39 -0.54 6.30
C ARG A 150 19.34 -1.68 7.34
N SER A 151 20.39 -1.81 8.13
CA SER A 151 20.38 -2.93 9.06
C SER A 151 19.42 -2.73 10.21
N LYS A 152 18.89 -1.55 10.35
CA LYS A 152 17.90 -1.31 11.42
C LYS A 152 16.47 -1.69 10.98
N LEU A 153 16.30 -1.98 9.70
CA LEU A 153 14.94 -2.34 9.22
C LEU A 153 14.56 -3.75 9.60
N ALA A 154 13.53 -3.89 10.43
CA ALA A 154 13.05 -5.22 10.82
C ALA A 154 12.10 -5.83 9.79
N GLY A 155 11.46 -5.00 8.96
CA GLY A 155 10.61 -5.59 7.93
C GLY A 155 9.97 -4.49 7.10
N TYR A 156 9.48 -4.84 5.93
CA TYR A 156 8.81 -3.86 5.09
C TYR A 156 7.53 -4.56 4.60
N LEU A 157 6.34 -3.95 4.84
CA LEU A 157 5.07 -4.53 4.41
C LEU A 157 4.57 -3.66 3.23
N ASN A 158 4.15 -4.29 2.13
CA ASN A 158 3.74 -3.58 0.93
C ASN A 158 2.25 -3.79 0.61
N PHE A 159 1.54 -2.72 0.22
CA PHE A 159 0.10 -2.86 -0.11
C PHE A 159 -0.06 -2.21 -1.46
N ASP A 160 -0.29 -3.02 -2.49
CA ASP A 160 -0.40 -2.53 -3.87
C ASP A 160 -1.52 -3.36 -4.53
N MET A 161 -2.68 -2.68 -4.68
CA MET A 161 -3.95 -3.18 -5.23
C MET A 161 -4.59 -4.15 -4.24
N ILE A 162 -5.41 -3.59 -3.35
CA ILE A 162 -6.08 -4.39 -2.31
C ILE A 162 -7.58 -4.17 -2.32
N GLY A 163 -8.13 -3.56 -3.37
CA GLY A 163 -9.59 -3.43 -3.40
C GLY A 163 -10.16 -3.89 -4.74
N SER A 164 -9.55 -4.88 -5.39
CA SER A 164 -10.02 -5.29 -6.75
C SER A 164 -11.51 -5.64 -6.76
N PRO A 165 -12.20 -5.24 -7.82
CA PRO A 165 -13.65 -5.50 -7.90
C PRO A 165 -14.15 -6.95 -7.91
N ASN A 166 -13.32 -7.89 -8.39
CA ASN A 166 -13.72 -9.31 -8.44
C ASN A 166 -12.51 -9.92 -7.76
N PRO A 167 -12.41 -9.69 -6.43
CA PRO A 167 -11.23 -10.14 -5.71
C PRO A 167 -10.84 -11.51 -5.36
N GLY A 168 -9.53 -11.65 -5.20
CA GLY A 168 -8.96 -12.86 -4.61
C GLY A 168 -8.22 -12.33 -3.36
N TYR A 169 -7.75 -13.21 -2.46
CA TYR A 169 -7.03 -12.75 -1.28
C TYR A 169 -5.70 -13.43 -1.33
N PHE A 170 -4.70 -12.69 -1.82
CA PHE A 170 -3.35 -13.25 -2.00
C PHE A 170 -2.37 -12.66 -0.97
N VAL A 171 -1.50 -13.51 -0.41
CA VAL A 171 -0.52 -13.10 0.57
C VAL A 171 0.86 -13.37 0.00
N TYR A 172 1.80 -12.43 0.12
CA TYR A 172 3.13 -12.67 -0.41
C TYR A 172 3.78 -13.84 0.34
N ASP A 173 4.63 -14.59 -0.39
CA ASP A 173 5.32 -15.74 0.23
C ASP A 173 6.82 -15.46 0.33
N ASP A 174 7.16 -14.39 1.05
CA ASP A 174 8.56 -14.00 1.25
C ASP A 174 8.94 -14.31 2.69
N ASP A 175 9.15 -13.34 3.56
CA ASP A 175 9.51 -13.71 4.92
C ASP A 175 8.40 -14.58 5.52
N PRO A 176 8.74 -15.70 6.23
CA PRO A 176 7.72 -16.57 6.82
C PRO A 176 6.96 -16.05 8.00
N VAL A 177 7.57 -15.20 8.80
CA VAL A 177 6.92 -14.64 9.96
C VAL A 177 5.84 -13.62 9.52
N ILE A 178 6.20 -12.75 8.58
CA ILE A 178 5.23 -11.75 8.12
C ILE A 178 4.07 -12.47 7.44
N GLU A 179 4.39 -13.48 6.61
CA GLU A 179 3.37 -14.23 5.90
C GLU A 179 2.41 -14.92 6.87
N LYS A 180 2.95 -15.58 7.89
CA LYS A 180 2.08 -16.22 8.87
C LYS A 180 1.16 -15.22 9.59
N THR A 181 1.65 -14.03 9.94
CA THR A 181 0.89 -13.01 10.63
C THR A 181 -0.39 -12.63 9.79
N PHE A 182 -0.22 -12.46 8.48
CA PHE A 182 -1.35 -12.16 7.62
C PHE A 182 -2.28 -13.38 7.51
N LYS A 183 -1.72 -14.56 7.25
CA LYS A 183 -2.55 -15.78 7.10
C LYS A 183 -3.39 -16.06 8.34
N ASN A 184 -2.81 -15.87 9.52
CA ASN A 184 -3.58 -16.09 10.75
C ASN A 184 -4.77 -15.14 10.91
N TYR A 185 -4.60 -13.89 10.46
CA TYR A 185 -5.69 -12.92 10.56
C TYR A 185 -6.86 -13.41 9.69
N PHE A 186 -6.56 -13.82 8.45
CA PHE A 186 -7.63 -14.26 7.56
C PHE A 186 -8.27 -15.55 8.08
N ALA A 187 -7.48 -16.42 8.71
CA ALA A 187 -8.03 -17.67 9.28
C ALA A 187 -9.12 -17.33 10.30
N GLY A 188 -8.92 -16.28 11.06
CA GLY A 188 -9.89 -15.86 12.06
C GLY A 188 -11.21 -15.36 11.47
N LEU A 189 -11.19 -14.91 10.21
CA LEU A 189 -12.39 -14.45 9.56
C LEU A 189 -12.98 -15.63 8.75
N ASN A 190 -12.25 -16.75 8.69
CA ASN A 190 -12.61 -17.91 7.88
C ASN A 190 -12.61 -17.56 6.36
N VAL A 191 -11.63 -16.75 5.96
CA VAL A 191 -11.48 -16.40 4.55
C VAL A 191 -10.21 -17.11 4.09
N PRO A 192 -10.30 -17.98 3.08
CA PRO A 192 -9.03 -18.63 2.70
C PRO A 192 -8.12 -17.69 1.92
N THR A 193 -6.83 -18.01 1.92
CA THR A 193 -5.87 -17.20 1.18
C THR A 193 -5.03 -18.09 0.28
N GLU A 194 -4.42 -17.49 -0.76
CA GLU A 194 -3.54 -18.22 -1.67
C GLU A 194 -2.22 -17.42 -1.75
N ILE A 195 -1.15 -18.07 -2.19
CA ILE A 195 0.15 -17.42 -2.36
C ILE A 195 0.13 -16.50 -3.58
N GLU A 196 0.80 -15.34 -3.45
CA GLU A 196 0.83 -14.35 -4.52
C GLU A 196 1.74 -14.80 -5.67
N THR A 197 1.21 -14.90 -6.89
CA THR A 197 2.04 -15.32 -8.04
C THR A 197 2.01 -14.29 -9.19
N GLU A 198 0.85 -13.66 -9.40
CA GLU A 198 0.68 -12.68 -10.49
C GLU A 198 1.68 -11.51 -10.52
N GLY A 199 1.90 -10.86 -9.38
CA GLY A 199 2.83 -9.73 -9.37
C GLY A 199 4.33 -10.05 -9.36
N ASP A 200 4.73 -11.10 -8.61
CA ASP A 200 6.14 -11.44 -8.55
C ASP A 200 7.01 -10.35 -7.95
N GLY A 201 8.12 -10.01 -8.59
CA GLY A 201 8.96 -8.94 -8.05
C GLY A 201 8.57 -7.63 -8.73
N ARG A 202 7.28 -7.42 -8.94
CA ARG A 202 6.91 -6.22 -9.64
C ARG A 202 6.14 -5.20 -8.79
N SER A 203 6.66 -4.97 -7.58
CA SER A 203 6.09 -3.89 -6.77
C SER A 203 7.23 -3.39 -5.86
N ASP A 204 6.91 -2.42 -4.99
CA ASP A 204 7.92 -1.74 -4.18
C ASP A 204 8.61 -2.56 -3.12
N HIS A 205 8.15 -3.78 -2.86
CA HIS A 205 8.89 -4.58 -1.88
C HIS A 205 10.20 -5.12 -2.51
N ALA A 206 10.27 -5.18 -3.83
CA ALA A 206 11.47 -5.77 -4.46
C ALA A 206 12.82 -5.17 -4.07
N PRO A 207 12.93 -3.85 -4.05
CA PRO A 207 14.24 -3.30 -3.69
C PRO A 207 14.67 -3.63 -2.31
N PHE A 208 13.70 -3.72 -1.40
CA PHE A 208 14.02 -4.10 -0.01
C PHE A 208 14.44 -5.60 0.08
N LYS A 209 13.63 -6.45 -0.57
CA LYS A 209 13.88 -7.88 -0.57
C LYS A 209 15.30 -8.16 -1.09
N ASN A 210 15.68 -7.40 -2.13
CA ASN A 210 17.00 -7.62 -2.78
C ASN A 210 18.19 -7.34 -1.91
N VAL A 211 18.01 -6.50 -0.89
CA VAL A 211 19.10 -6.17 0.04
C VAL A 211 18.94 -6.86 1.39
N GLY A 212 18.11 -7.88 1.44
CA GLY A 212 18.01 -8.63 2.68
C GLY A 212 17.02 -8.24 3.74
N VAL A 213 16.15 -7.27 3.46
CA VAL A 213 15.13 -6.86 4.45
C VAL A 213 13.94 -7.82 4.34
N PRO A 214 13.39 -8.33 5.46
CA PRO A 214 12.25 -9.26 5.40
C PRO A 214 11.03 -8.46 4.82
N VAL A 215 10.33 -9.05 3.84
CA VAL A 215 9.19 -8.34 3.26
C VAL A 215 7.94 -9.20 3.21
N GLY A 216 6.78 -8.54 3.07
CA GLY A 216 5.54 -9.28 2.90
C GLY A 216 4.49 -8.31 2.40
N GLY A 217 3.27 -8.80 2.20
CA GLY A 217 2.24 -7.88 1.68
C GLY A 217 0.97 -8.60 1.30
N LEU A 218 0.00 -7.82 0.80
CA LEU A 218 -1.31 -8.35 0.43
C LEU A 218 -1.63 -7.85 -0.97
N PHE A 219 -2.47 -8.61 -1.69
CA PHE A 219 -2.80 -8.28 -3.10
C PHE A 219 -4.14 -8.92 -3.41
N THR A 220 -4.98 -8.25 -4.22
CA THR A 220 -6.30 -8.83 -4.58
C THR A 220 -6.48 -9.22 -6.03
N GLY A 221 -5.41 -9.13 -6.82
CA GLY A 221 -5.48 -9.57 -8.23
C GLY A 221 -5.56 -8.44 -9.23
N ALA A 222 -4.99 -8.67 -10.41
CA ALA A 222 -5.04 -7.62 -11.45
C ALA A 222 -5.62 -8.19 -12.75
N GLY A 223 -4.82 -8.25 -13.81
CA GLY A 223 -5.30 -8.72 -15.11
C GLY A 223 -5.59 -10.21 -15.31
N TYR A 224 -5.06 -11.07 -14.43
CA TYR A 224 -5.31 -12.52 -14.53
C TYR A 224 -6.79 -12.83 -14.35
N THR A 225 -7.19 -13.97 -14.88
CA THR A 225 -8.58 -14.42 -14.80
C THR A 225 -8.85 -15.25 -13.55
N LYS A 226 -9.95 -14.96 -12.87
CA LYS A 226 -10.33 -15.72 -11.66
C LYS A 226 -10.87 -17.10 -12.12
N SER A 227 -10.38 -18.16 -11.50
CA SER A 227 -10.78 -19.52 -11.90
C SER A 227 -12.07 -19.96 -11.24
N ALA A 228 -12.60 -21.09 -11.69
CA ALA A 228 -13.82 -21.61 -11.08
C ALA A 228 -13.59 -21.94 -9.61
N ALA A 229 -12.45 -22.54 -9.31
CA ALA A 229 -12.10 -22.92 -7.94
C ALA A 229 -11.99 -21.65 -7.07
N GLN A 230 -11.42 -20.58 -7.65
CA GLN A 230 -11.30 -19.33 -6.88
C GLN A 230 -12.64 -18.66 -6.65
N ALA A 231 -13.57 -18.75 -7.61
CA ALA A 231 -14.87 -18.14 -7.41
C ALA A 231 -15.66 -18.92 -6.36
N GLN A 232 -15.35 -20.20 -6.21
CA GLN A 232 -16.06 -21.02 -5.20
C GLN A 232 -15.56 -20.61 -3.82
N LYS A 233 -14.28 -20.36 -3.67
CA LYS A 233 -13.86 -19.97 -2.34
C LYS A 233 -14.05 -18.50 -2.00
N TRP A 234 -14.11 -17.61 -3.00
CA TRP A 234 -14.25 -16.21 -2.68
C TRP A 234 -15.45 -15.45 -3.23
N GLY A 235 -16.25 -16.09 -4.08
CA GLY A 235 -17.35 -15.34 -4.65
C GLY A 235 -16.87 -14.64 -5.89
N GLY A 236 -17.73 -13.80 -6.47
CA GLY A 236 -17.34 -13.07 -7.66
C GLY A 236 -17.69 -13.81 -8.94
N THR A 237 -16.94 -13.54 -10.00
CA THR A 237 -17.26 -14.12 -11.31
C THR A 237 -16.11 -14.91 -11.91
N ALA A 238 -16.29 -16.22 -12.12
CA ALA A 238 -15.22 -16.99 -12.71
C ALA A 238 -15.13 -16.58 -14.19
N GLY A 239 -13.93 -16.60 -14.74
CA GLY A 239 -13.71 -16.27 -16.13
C GLY A 239 -13.52 -14.79 -16.39
N GLN A 240 -13.59 -13.96 -15.34
CA GLN A 240 -13.38 -12.50 -15.54
C GLN A 240 -12.13 -12.12 -14.76
N ALA A 241 -11.45 -11.08 -15.23
CA ALA A 241 -10.26 -10.58 -14.53
C ALA A 241 -10.57 -10.19 -13.08
N PHE A 242 -9.55 -10.23 -12.22
CA PHE A 242 -9.75 -9.80 -10.82
C PHE A 242 -10.03 -8.27 -10.89
N ASP A 243 -9.32 -7.57 -11.79
CA ASP A 243 -9.58 -6.15 -11.98
C ASP A 243 -9.68 -5.87 -13.48
N ARG A 244 -10.93 -5.73 -13.94
CA ARG A 244 -11.23 -5.48 -15.38
C ARG A 244 -10.83 -4.06 -15.84
N CYS A 245 -10.46 -3.19 -14.89
CA CYS A 245 -10.08 -1.81 -15.22
C CYS A 245 -8.60 -1.50 -14.90
N TYR A 246 -7.79 -2.57 -14.82
CA TYR A 246 -6.36 -2.42 -14.53
C TYR A 246 -5.69 -1.46 -15.54
N HIS A 247 -5.02 -0.43 -15.02
CA HIS A 247 -4.34 0.59 -15.85
C HIS A 247 -5.25 1.26 -16.90
N SER A 248 -6.54 1.32 -16.60
CA SER A 248 -7.49 1.86 -17.58
C SER A 248 -8.15 3.11 -17.05
N SER A 249 -8.88 3.79 -17.91
CA SER A 249 -9.55 5.00 -17.46
C SER A 249 -10.72 4.64 -16.53
N CYS A 250 -11.15 3.39 -16.52
CA CYS A 250 -12.25 3.02 -15.61
C CYS A 250 -11.80 2.59 -14.20
N ASP A 251 -10.51 2.78 -13.88
CA ASP A 251 -10.07 2.49 -12.49
C ASP A 251 -10.39 3.74 -11.66
N SER A 252 -11.69 3.84 -11.35
CA SER A 252 -12.27 4.99 -10.67
C SER A 252 -12.90 4.56 -9.34
N LEU A 253 -13.68 5.44 -8.72
CA LEU A 253 -14.31 5.06 -7.46
C LEU A 253 -15.21 3.86 -7.53
N SER A 254 -15.81 3.57 -8.71
CA SER A 254 -16.65 2.40 -8.81
C SER A 254 -15.87 1.09 -9.02
N ASN A 255 -14.53 1.19 -9.16
CA ASN A 255 -13.70 0.01 -9.38
C ASN A 255 -13.15 -0.54 -8.04
N ILE A 256 -13.96 -0.50 -7.01
CA ILE A 256 -13.48 -0.97 -5.67
C ILE A 256 -14.50 -1.96 -5.07
N ASN A 257 -14.04 -3.09 -4.55
CA ASN A 257 -14.94 -3.98 -3.83
C ASN A 257 -14.76 -3.61 -2.33
N ASP A 258 -15.84 -3.16 -1.67
CA ASP A 258 -15.73 -2.69 -0.31
C ASP A 258 -15.33 -3.77 0.67
N THR A 259 -15.81 -5.00 0.46
CA THR A 259 -15.49 -6.05 1.41
C THR A 259 -13.99 -6.36 1.41
N ALA A 260 -13.45 -6.47 0.22
CA ALA A 260 -12.02 -6.75 0.11
C ALA A 260 -11.18 -5.58 0.70
N LEU A 261 -11.56 -4.33 0.39
CA LEU A 261 -10.81 -3.17 0.88
C LEU A 261 -10.86 -3.15 2.43
N ASP A 262 -12.04 -3.42 2.98
CA ASP A 262 -12.17 -3.40 4.47
C ASP A 262 -11.32 -4.53 5.08
N ARG A 263 -11.46 -5.75 4.56
CA ARG A 263 -10.70 -6.85 5.12
C ARG A 263 -9.18 -6.62 5.02
N ASN A 264 -8.73 -6.08 3.89
CA ASN A 264 -7.28 -5.89 3.77
C ASN A 264 -6.77 -4.72 4.61
N SER A 265 -7.59 -3.68 4.79
CA SER A 265 -7.18 -2.56 5.66
C SER A 265 -7.07 -3.06 7.09
N ASP A 266 -8.05 -3.86 7.52
CA ASP A 266 -8.02 -4.38 8.89
C ASP A 266 -6.82 -5.31 9.08
N ALA A 267 -6.52 -6.10 8.04
CA ALA A 267 -5.38 -7.03 8.13
C ALA A 267 -4.09 -6.21 8.22
N ALA A 268 -4.02 -5.11 7.47
CA ALA A 268 -2.80 -4.30 7.54
C ALA A 268 -2.57 -3.77 8.96
N ALA A 269 -3.64 -3.26 9.61
CA ALA A 269 -3.48 -2.72 10.96
C ALA A 269 -3.11 -3.87 11.91
N HIS A 270 -3.71 -5.05 11.71
CA HIS A 270 -3.40 -6.19 12.60
C HIS A 270 -1.90 -6.56 12.50
N ALA A 271 -1.37 -6.57 11.29
CA ALA A 271 0.04 -6.92 11.11
C ALA A 271 0.97 -5.86 11.71
N ILE A 272 0.65 -4.59 11.45
CA ILE A 272 1.46 -3.50 11.98
C ILE A 272 1.46 -3.52 13.52
N TRP A 273 0.32 -3.72 14.17
CA TRP A 273 0.34 -3.79 15.63
C TRP A 273 1.12 -5.04 16.13
N THR A 274 0.85 -6.17 15.52
CA THR A 274 1.44 -7.44 15.94
C THR A 274 2.96 -7.48 15.79
N LEU A 275 3.44 -7.06 14.64
CA LEU A 275 4.87 -7.08 14.39
C LEU A 275 5.63 -5.94 15.07
N SER A 276 4.96 -4.94 15.64
CA SER A 276 5.70 -3.86 16.31
C SER A 276 5.82 -4.01 17.81
N SER A 277 5.30 -5.14 18.29
CA SER A 277 5.33 -5.58 19.73
C SER A 277 6.50 -6.54 19.94
#